data_8R17
#
_entry.id   8R17
#
_cell.length_a   83.756
_cell.length_b   83.756
_cell.length_c   103.220
_cell.angle_alpha   90.000
_cell.angle_beta   90.000
_cell.angle_gamma   90.000
#
_symmetry.space_group_name_H-M   'P 43 21 2'
#
loop_
_entity.id
_entity.type
_entity.pdbx_description
1 polymer 'Conidial surface nicotinamide adenine dinucleotide glycohydrolase,Conidial surface nicotinamide adenine dinucleotide glycohydrolase nadA'
2 branched 2-acetamido-2-deoxy-beta-D-glucopyranose-(1-4)-2-acetamido-2-deoxy-beta-D-glucopyranose
3 non-polymer 2-acetamido-2-deoxy-beta-D-glucopyranose
4 non-polymer GLYCEROL
5 water water
#
_entity_poly.entity_id   1
_entity_poly.type   'polypeptide(L)'
_entity_poly.pdbx_seq_one_letter_code
;MKFTLLSTAVALLTSTAVALPTSSSSAGSLLNERSYVNASSTATTCPYSRRSPAYCAGTAQNRTLSATYICGDSRLGPVV
LPQFFLPLDPILDIYDRFGGLCPGAFLEKWFNQTGSGWWDYPPQNGFSVDDEGNIIAANLTLQTGTFVDRFGSEYGSFLA
PAAAPYLQRSLPPSNLNGDAKFPWNYHVYSVIKPFAVLAGPIAPWFGQPGQGVQYQTYENVATLIADGYLKALDESEYDE
KVEYSNPYTPGPNQDVLFQ
;
_entity_poly.pdbx_strand_id   A
#
# COMPACT_ATOMS: atom_id res chain seq x y z
N THR A 44 19.55 -4.27 8.79
CA THR A 44 18.56 -4.56 9.82
C THR A 44 17.79 -5.83 9.48
N THR A 45 17.86 -6.83 10.37
CA THR A 45 17.17 -8.10 10.16
C THR A 45 16.66 -8.64 11.48
N CYS A 46 15.68 -9.53 11.39
CA CYS A 46 15.08 -10.11 12.58
C CYS A 46 16.01 -11.15 13.19
N PRO A 47 16.37 -11.04 14.48
CA PRO A 47 17.28 -12.03 15.07
C PRO A 47 16.73 -13.44 15.11
N TYR A 48 15.41 -13.62 15.12
CA TYR A 48 14.83 -14.96 15.06
C TYR A 48 15.25 -15.67 13.77
N SER A 49 15.61 -16.95 13.90
CA SER A 49 16.09 -17.74 12.78
C SER A 49 14.93 -18.31 11.97
N ARG A 50 15.26 -19.08 10.92
CA ARG A 50 14.23 -19.78 10.15
C ARG A 50 13.72 -21.02 10.86
N ARG A 51 14.55 -21.64 11.69
CA ARG A 51 14.15 -22.79 12.50
C ARG A 51 13.56 -22.39 13.84
N SER A 52 13.41 -21.09 14.11
CA SER A 52 12.98 -20.64 15.43
C SER A 52 11.48 -20.81 15.59
N PRO A 53 11.01 -21.37 16.72
CA PRO A 53 9.58 -21.34 17.03
C PRO A 53 9.07 -20.03 17.59
N ALA A 54 9.95 -19.12 18.01
CA ALA A 54 9.57 -17.87 18.64
C ALA A 54 9.35 -16.73 17.65
N TYR A 55 9.33 -17.02 16.35
CA TYR A 55 9.25 -15.98 15.34
C TYR A 55 7.95 -15.18 15.46
N CYS A 56 6.86 -15.84 15.84
CA CYS A 56 5.55 -15.22 15.97
C CYS A 56 5.33 -14.63 17.35
N ALA A 57 6.39 -14.33 18.08
CA ALA A 57 6.26 -13.70 19.39
C ALA A 57 5.55 -12.35 19.27
N GLY A 58 4.63 -12.09 20.20
CA GLY A 58 3.97 -10.81 20.25
C GLY A 58 2.96 -10.56 19.16
N THR A 59 2.41 -11.62 18.56
CA THR A 59 1.39 -11.54 17.55
C THR A 59 0.15 -12.30 18.03
N ALA A 60 -0.85 -12.38 17.15
CA ALA A 60 -2.09 -13.09 17.51
C ALA A 60 -1.80 -14.51 17.96
N GLN A 61 -0.92 -15.22 17.26
CA GLN A 61 -0.57 -16.60 17.61
C GLN A 61 -1.81 -17.49 17.59
N ASN A 62 -2.51 -17.45 16.48
CA ASN A 62 -3.78 -18.15 16.29
C ASN A 62 -3.52 -19.40 15.46
N ARG A 63 -3.59 -20.57 16.10
CA ARG A 63 -3.27 -21.81 15.41
C ARG A 63 -4.24 -22.07 14.26
N THR A 64 -5.47 -21.57 14.36
CA THR A 64 -6.47 -21.86 13.34
C THR A 64 -6.17 -21.15 12.03
N LEU A 65 -5.56 -19.96 12.11
CA LEU A 65 -5.27 -19.15 10.93
C LEU A 65 -3.81 -19.19 10.51
N SER A 66 -2.93 -19.81 11.30
CA SER A 66 -1.50 -19.69 11.08
C SER A 66 -1.06 -20.17 9.71
N ALA A 67 -1.84 -21.03 9.06
CA ALA A 67 -1.54 -21.39 7.69
C ALA A 67 -2.03 -20.35 6.68
N THR A 68 -2.97 -19.50 7.08
CA THR A 68 -3.53 -18.47 6.22
C THR A 68 -2.79 -17.14 6.37
N TYR A 69 -2.73 -16.62 7.59
CA TYR A 69 -1.98 -15.39 7.87
C TYR A 69 -0.69 -15.74 8.61
N ILE A 70 0.35 -14.93 8.36
CA ILE A 70 1.59 -15.03 9.10
C ILE A 70 1.25 -15.02 10.59
N CYS A 71 1.66 -16.06 11.31
CA CYS A 71 1.40 -16.15 12.74
C CYS A 71 -0.09 -16.24 13.06
N GLY A 72 -0.89 -16.68 12.11
CA GLY A 72 -2.34 -16.63 12.29
C GLY A 72 -2.83 -15.25 12.69
N ASP A 73 -2.20 -14.21 12.15
CA ASP A 73 -2.52 -12.83 12.50
C ASP A 73 -2.80 -12.06 11.22
N SER A 74 -4.07 -11.73 10.98
CA SER A 74 -4.48 -11.10 9.73
C SER A 74 -3.74 -9.79 9.46
N ARG A 75 -3.34 -9.06 10.51
CA ARG A 75 -2.63 -7.80 10.31
C ARG A 75 -1.29 -7.97 9.62
N LEU A 76 -0.68 -9.15 9.68
CA LEU A 76 0.63 -9.36 9.09
C LEU A 76 0.56 -9.89 7.66
N GLY A 77 -0.64 -10.08 7.11
CA GLY A 77 -0.78 -10.54 5.76
C GLY A 77 -0.68 -12.04 5.63
N PRO A 78 -0.79 -12.53 4.39
CA PRO A 78 -0.93 -13.97 4.16
C PRO A 78 0.42 -14.69 4.19
N VAL A 79 0.34 -16.00 4.37
CA VAL A 79 1.53 -16.84 4.30
C VAL A 79 1.97 -17.02 2.86
N VAL A 80 1.02 -17.17 1.95
CA VAL A 80 1.30 -17.33 0.52
C VAL A 80 0.85 -16.06 -0.19
N LEU A 81 1.81 -15.29 -0.68
CA LEU A 81 1.49 -14.02 -1.33
C LEU A 81 0.89 -14.26 -2.70
N PRO A 82 -0.21 -13.58 -3.06
CA PRO A 82 -0.76 -13.72 -4.41
C PRO A 82 0.08 -12.97 -5.45
N GLN A 83 -0.47 -11.92 -6.05
CA GLN A 83 0.27 -11.17 -7.05
C GLN A 83 1.09 -10.06 -6.41
N PHE A 84 2.16 -9.66 -7.12
CA PHE A 84 3.03 -8.59 -6.67
C PHE A 84 3.30 -7.59 -7.79
N PHE A 85 2.41 -7.50 -8.77
CA PHE A 85 2.58 -6.59 -9.91
C PHE A 85 3.92 -6.80 -10.61
N PRO A 90 13.85 -10.56 -8.55
CA PRO A 90 15.13 -11.11 -8.12
C PRO A 90 15.83 -10.22 -7.09
N ILE A 91 16.36 -9.07 -7.53
CA ILE A 91 17.01 -8.16 -6.60
C ILE A 91 16.09 -7.73 -5.48
N LEU A 92 14.77 -7.82 -5.70
CA LEU A 92 13.79 -7.44 -4.70
C LEU A 92 14.05 -8.04 -3.32
N ASP A 93 14.88 -9.10 -3.24
CA ASP A 93 15.22 -9.71 -1.96
C ASP A 93 15.71 -8.70 -0.94
N ILE A 94 16.25 -7.57 -1.42
CA ILE A 94 16.75 -6.54 -0.50
C ILE A 94 15.64 -6.09 0.44
N TYR A 95 14.37 -6.25 0.04
CA TYR A 95 13.24 -5.77 0.82
C TYR A 95 12.55 -6.91 1.57
N ASP A 96 12.16 -6.62 2.79
CA ASP A 96 11.48 -7.55 3.67
C ASP A 96 10.09 -7.03 4.00
N ARG A 97 9.10 -7.93 4.00
CA ARG A 97 7.71 -7.51 4.21
C ARG A 97 7.56 -6.65 5.45
N PHE A 98 8.42 -6.84 6.44
CA PHE A 98 8.33 -6.10 7.69
C PHE A 98 9.47 -5.09 7.85
N GLY A 99 10.18 -4.79 6.76
CA GLY A 99 11.31 -3.89 6.83
C GLY A 99 12.43 -4.37 7.74
N GLY A 100 12.58 -5.69 7.88
CA GLY A 100 13.63 -6.24 8.69
C GLY A 100 13.26 -6.48 10.13
N LEU A 101 12.14 -5.93 10.60
CA LEU A 101 11.73 -6.16 11.97
C LEU A 101 11.12 -7.55 12.13
N CYS A 102 10.97 -7.95 13.36
CA CYS A 102 10.23 -9.16 13.66
C CYS A 102 8.75 -8.84 13.80
N PRO A 103 7.89 -9.78 13.43
CA PRO A 103 6.44 -9.52 13.49
C PRO A 103 6.00 -8.74 14.72
N GLY A 104 6.36 -9.23 15.91
CA GLY A 104 5.97 -8.51 17.11
C GLY A 104 6.52 -7.09 17.13
N ALA A 105 7.78 -6.92 16.76
CA ALA A 105 8.37 -5.58 16.74
C ALA A 105 7.73 -4.71 15.67
N PHE A 106 7.33 -5.31 14.55
CA PHE A 106 6.62 -4.58 13.52
C PHE A 106 5.31 -4.00 14.06
N LEU A 107 4.49 -4.86 14.67
CA LEU A 107 3.24 -4.39 15.26
C LEU A 107 3.52 -3.34 16.33
N GLU A 108 4.59 -3.51 17.11
CA GLU A 108 4.90 -2.51 18.12
C GLU A 108 5.27 -1.16 17.52
N LYS A 109 5.92 -1.16 16.35
CA LYS A 109 6.31 0.12 15.78
C LYS A 109 5.17 0.81 15.05
N TRP A 110 4.35 0.06 14.32
CA TRP A 110 3.45 0.66 13.34
C TRP A 110 1.97 0.63 13.69
N PHE A 111 1.56 -0.15 14.70
CA PHE A 111 0.15 -0.43 14.95
C PHE A 111 -0.28 0.14 16.29
N ASN A 112 -1.51 0.67 16.33
CA ASN A 112 -2.05 1.34 17.52
C ASN A 112 -1.17 2.52 17.90
N GLN A 113 -0.28 2.34 18.88
CA GLN A 113 0.65 3.39 19.31
C GLN A 113 -0.08 4.63 19.82
N THR A 114 -0.91 5.25 18.98
CA THR A 114 -1.97 6.10 19.50
C THR A 114 -3.15 5.20 19.83
N GLY A 115 -4.29 5.79 20.20
CA GLY A 115 -5.42 4.96 20.55
C GLY A 115 -6.23 4.45 19.37
N SER A 116 -5.79 4.74 18.14
CA SER A 116 -6.66 4.52 16.97
C SER A 116 -7.20 3.10 16.89
N GLY A 117 -6.48 2.12 17.43
CA GLY A 117 -6.85 0.74 17.18
C GLY A 117 -6.62 0.28 15.76
N TRP A 118 -5.73 0.95 15.04
CA TRP A 118 -5.40 0.58 13.66
C TRP A 118 -4.01 1.13 13.38
N TRP A 119 -3.57 1.03 12.12
CA TRP A 119 -2.24 1.48 11.75
C TRP A 119 -2.09 2.99 11.93
N ASP A 120 -0.87 3.39 12.32
CA ASP A 120 -0.48 4.79 12.30
C ASP A 120 0.05 5.14 10.92
N TYR A 121 -0.65 6.03 10.22
CA TYR A 121 -0.31 6.36 8.85
C TYR A 121 0.71 7.47 8.81
N PRO A 122 1.37 7.66 7.67
CA PRO A 122 2.39 8.68 7.59
C PRO A 122 1.76 10.06 7.61
N PRO A 123 2.52 11.10 7.90
CA PRO A 123 1.96 12.45 7.85
C PRO A 123 1.69 12.88 6.42
N GLN A 124 0.77 13.84 6.29
CA GLN A 124 0.56 14.57 5.04
C GLN A 124 0.20 13.63 3.89
N ASN A 125 -0.77 12.75 4.14
CA ASN A 125 -1.27 11.82 3.12
C ASN A 125 -0.12 11.01 2.48
N GLY A 126 1.00 10.86 3.18
CA GLY A 126 2.01 9.92 2.72
C GLY A 126 2.91 10.41 1.61
N PHE A 127 2.79 11.67 1.21
CA PHE A 127 3.76 12.24 0.28
C PHE A 127 5.11 12.34 0.94
N SER A 128 6.16 12.27 0.13
CA SER A 128 7.48 12.59 0.63
C SER A 128 7.51 14.04 1.11
N VAL A 129 8.26 14.29 2.18
CA VAL A 129 8.35 15.60 2.81
C VAL A 129 9.79 16.09 2.68
N ASP A 130 9.96 17.30 2.14
CA ASP A 130 11.31 17.77 1.83
C ASP A 130 12.01 18.24 3.10
N ASP A 131 13.28 18.59 2.96
CA ASP A 131 14.08 18.94 4.14
C ASP A 131 13.55 20.16 4.88
N GLU A 132 12.74 20.99 4.24
CA GLU A 132 12.15 22.15 4.88
C GLU A 132 10.72 21.92 5.34
N GLY A 133 10.24 20.67 5.33
CA GLY A 133 8.94 20.33 5.89
C GLY A 133 7.76 20.43 4.96
N ASN A 134 7.96 20.55 3.65
CA ASN A 134 6.87 20.68 2.70
C ASN A 134 6.83 19.47 1.78
N ILE A 135 5.62 18.97 1.49
CA ILE A 135 5.51 17.80 0.65
C ILE A 135 6.14 18.09 -0.71
N ILE A 136 6.71 17.05 -1.30
CA ILE A 136 7.24 17.12 -2.65
C ILE A 136 6.10 16.69 -3.58
N ALA A 137 5.35 17.68 -4.07
CA ALA A 137 4.13 17.40 -4.82
C ALA A 137 3.66 18.70 -5.45
N ALA A 138 3.06 18.59 -6.63
CA ALA A 138 2.50 19.73 -7.33
C ALA A 138 1.38 19.26 -8.24
N ASN A 139 0.62 20.21 -8.78
CA ASN A 139 -0.44 19.91 -9.72
C ASN A 139 0.15 19.40 -11.02
N LEU A 140 -0.23 18.19 -11.41
CA LEU A 140 0.23 17.57 -12.64
C LEU A 140 -0.98 17.19 -13.48
N THR A 141 -0.94 17.49 -14.76
CA THR A 141 -2.04 17.16 -15.66
C THR A 141 -1.79 15.81 -16.30
N LEU A 142 -2.70 14.87 -16.06
CA LEU A 142 -2.61 13.54 -16.63
C LEU A 142 -3.03 13.55 -18.10
N GLN A 143 -2.14 13.15 -18.99
CA GLN A 143 -2.47 13.13 -20.42
C GLN A 143 -3.44 12.00 -20.74
N THR A 144 -4.24 12.22 -21.79
CA THR A 144 -5.16 11.18 -22.24
C THR A 144 -4.39 9.93 -22.64
N GLY A 145 -4.93 8.78 -22.27
CA GLY A 145 -4.28 7.51 -22.52
C GLY A 145 -3.41 7.02 -21.38
N THR A 146 -3.23 7.82 -20.34
CA THR A 146 -2.46 7.39 -19.18
C THR A 146 -3.23 6.33 -18.42
N PHE A 147 -2.53 5.28 -18.01
CA PHE A 147 -3.11 4.25 -17.16
C PHE A 147 -2.79 4.56 -15.71
N VAL A 148 -3.82 4.58 -14.88
CA VAL A 148 -3.67 4.76 -13.44
C VAL A 148 -4.48 3.65 -12.81
N ASP A 149 -4.20 3.37 -11.55
CA ASP A 149 -4.96 2.35 -10.86
C ASP A 149 -5.25 2.81 -9.44
N ARG A 150 -6.21 2.14 -8.83
CA ARG A 150 -6.54 2.44 -7.44
C ARG A 150 -6.76 1.15 -6.69
N PHE A 151 -6.08 1.01 -5.55
CA PHE A 151 -6.39 -0.06 -4.61
C PHE A 151 -7.44 0.46 -3.63
N GLY A 152 -8.69 0.38 -4.03
CA GLY A 152 -9.79 0.90 -3.24
C GLY A 152 -10.96 1.29 -4.11
N SER A 153 -12.11 1.45 -3.46
CA SER A 153 -13.34 1.71 -4.18
C SER A 153 -13.40 3.16 -4.68
N GLU A 154 -14.30 3.40 -5.64
CA GLU A 154 -14.37 4.67 -6.36
C GLU A 154 -14.71 5.87 -5.47
N TYR A 155 -14.89 5.63 -4.17
CA TYR A 155 -15.19 6.71 -3.23
C TYR A 155 -13.98 7.59 -2.96
N GLY A 156 -12.78 7.01 -2.97
CA GLY A 156 -11.59 7.72 -2.54
C GLY A 156 -11.02 8.62 -3.62
N SER A 157 -9.97 9.35 -3.24
CA SER A 157 -9.40 10.36 -4.12
C SER A 157 -7.91 10.14 -4.34
N PHE A 158 -7.47 8.88 -4.37
CA PHE A 158 -6.06 8.57 -4.55
C PHE A 158 -5.88 7.51 -5.62
N LEU A 159 -4.90 7.75 -6.49
CA LEU A 159 -4.59 6.91 -7.63
C LEU A 159 -3.07 6.73 -7.70
N ALA A 160 -2.64 5.76 -8.50
CA ALA A 160 -1.23 5.48 -8.70
C ALA A 160 -0.97 5.20 -10.17
N PRO A 161 0.25 5.41 -10.64
CA PRO A 161 0.61 4.91 -11.97
C PRO A 161 0.31 3.43 -12.05
N ALA A 162 -0.35 3.02 -13.14
CA ALA A 162 -0.85 1.65 -13.23
C ALA A 162 0.27 0.64 -13.05
N ALA A 163 0.04 -0.34 -12.17
CA ALA A 163 0.91 -1.49 -11.96
C ALA A 163 2.22 -1.12 -11.29
N ALA A 164 2.28 0.02 -10.62
CA ALA A 164 3.40 0.28 -9.75
C ALA A 164 3.47 -0.81 -8.68
N PRO A 165 4.67 -1.18 -8.24
CA PRO A 165 4.78 -2.32 -7.32
C PRO A 165 4.27 -2.03 -5.92
N TYR A 166 3.62 -3.03 -5.34
CA TYR A 166 3.07 -2.93 -3.98
C TYR A 166 4.05 -2.26 -3.01
N LEU A 167 5.31 -2.68 -3.05
CA LEU A 167 6.28 -2.15 -2.11
C LEU A 167 6.49 -0.65 -2.26
N GLN A 168 6.15 -0.10 -3.43
CA GLN A 168 6.37 1.32 -3.63
C GLN A 168 5.21 2.15 -3.08
N ARG A 169 4.07 1.53 -2.76
CA ARG A 169 2.92 2.26 -2.27
C ARG A 169 2.92 2.46 -0.76
N SER A 170 3.81 1.79 -0.04
CA SER A 170 3.87 1.94 1.41
C SER A 170 2.52 1.67 2.06
N LEU A 171 1.88 0.65 1.65
CA LEU A 171 0.66 0.12 2.24
C LEU A 171 0.99 -0.90 3.33
N PRO A 172 0.18 -1.01 4.39
CA PRO A 172 0.46 -1.99 5.44
C PRO A 172 0.16 -3.41 4.96
N PRO A 173 0.72 -4.43 5.61
CA PRO A 173 0.64 -5.78 5.04
C PRO A 173 -0.75 -6.39 5.08
N SER A 174 -1.64 -5.90 5.96
CA SER A 174 -3.00 -6.44 6.00
C SER A 174 -3.70 -6.32 4.66
N ASN A 175 -3.22 -5.45 3.77
CA ASN A 175 -3.86 -5.27 2.48
C ASN A 175 -3.49 -6.34 1.46
N LEU A 176 -2.55 -7.22 1.79
CA LEU A 176 -2.29 -8.38 0.93
C LEU A 176 -3.26 -9.52 1.18
N ASN A 177 -4.13 -9.39 2.18
CA ASN A 177 -5.10 -10.44 2.49
C ASN A 177 -6.11 -10.58 1.36
N GLY A 178 -5.77 -11.39 0.36
CA GLY A 178 -6.64 -11.57 -0.79
C GLY A 178 -6.56 -12.95 -1.40
N ASP A 179 -7.72 -13.54 -1.65
CA ASP A 179 -7.82 -14.85 -2.30
C ASP A 179 -8.11 -14.73 -3.78
N ALA A 180 -9.03 -13.84 -4.18
CA ALA A 180 -9.29 -13.61 -5.58
C ALA A 180 -8.01 -13.16 -6.29
N LYS A 181 -7.86 -13.58 -7.54
CA LYS A 181 -6.73 -13.16 -8.36
C LYS A 181 -6.48 -11.67 -8.21
N PHE A 182 -7.51 -10.87 -8.47
CA PHE A 182 -7.46 -9.43 -8.31
C PHE A 182 -8.56 -8.98 -7.36
N PRO A 183 -8.24 -8.19 -6.33
CA PRO A 183 -9.23 -7.85 -5.29
C PRO A 183 -10.47 -7.18 -5.88
N TRP A 184 -11.57 -7.24 -5.11
CA TRP A 184 -12.84 -6.68 -5.56
C TRP A 184 -12.75 -5.19 -5.79
N ASN A 185 -11.91 -4.49 -5.02
CA ASN A 185 -11.81 -3.04 -5.07
C ASN A 185 -10.66 -2.54 -5.93
N TYR A 186 -9.77 -3.42 -6.40
CA TYR A 186 -8.68 -2.99 -7.26
C TYR A 186 -9.23 -2.63 -8.63
N HIS A 187 -8.92 -1.41 -9.09
CA HIS A 187 -9.42 -0.92 -10.35
C HIS A 187 -8.28 -0.36 -11.18
N VAL A 188 -8.44 -0.44 -12.49
CA VAL A 188 -7.50 0.16 -13.44
C VAL A 188 -8.29 1.03 -14.39
N TYR A 189 -7.71 2.17 -14.76
CA TYR A 189 -8.41 3.17 -15.56
C TYR A 189 -7.44 3.75 -16.57
N SER A 190 -8.01 4.23 -17.66
CA SER A 190 -7.30 5.06 -18.62
C SER A 190 -7.86 6.47 -18.54
N VAL A 191 -6.97 7.44 -18.75
CA VAL A 191 -7.37 8.85 -18.75
C VAL A 191 -7.96 9.17 -20.12
N ILE A 192 -9.27 9.39 -20.16
CA ILE A 192 -9.94 9.73 -21.41
C ILE A 192 -9.94 11.22 -21.69
N LYS A 193 -9.79 12.06 -20.66
CA LYS A 193 -9.92 13.49 -20.78
C LYS A 193 -8.96 14.13 -19.77
N PRO A 194 -8.05 14.99 -20.22
CA PRO A 194 -7.00 15.51 -19.33
C PRO A 194 -7.56 16.16 -18.07
N PHE A 195 -6.84 15.99 -16.97
CA PHE A 195 -7.18 16.68 -15.73
C PHE A 195 -5.98 16.68 -14.79
N ALA A 196 -6.04 17.54 -13.78
CA ALA A 196 -4.93 17.82 -12.89
C ALA A 196 -5.10 17.09 -11.56
N VAL A 197 -3.98 16.61 -11.02
CA VAL A 197 -3.93 15.94 -9.72
C VAL A 197 -2.77 16.52 -8.94
N LEU A 198 -2.82 16.35 -7.63
CA LEU A 198 -1.65 16.63 -6.82
C LEU A 198 -0.75 15.40 -6.88
N ALA A 199 0.40 15.50 -7.51
CA ALA A 199 1.25 14.35 -7.79
C ALA A 199 2.57 14.46 -7.03
N GLY A 200 3.02 13.36 -6.47
CA GLY A 200 4.31 13.38 -5.81
C GLY A 200 4.77 12.02 -5.31
N PRO A 201 6.04 11.96 -4.90
CA PRO A 201 6.59 10.71 -4.37
C PRO A 201 5.92 10.25 -3.09
N ILE A 202 5.96 8.94 -2.87
CA ILE A 202 5.34 8.30 -1.71
C ILE A 202 6.43 8.09 -0.68
N ALA A 203 6.17 8.49 0.55
CA ALA A 203 7.19 8.33 1.56
C ALA A 203 7.31 6.86 2.01
N PRO A 204 8.50 6.42 2.39
CA PRO A 204 8.64 5.09 2.99
C PRO A 204 7.84 5.00 4.29
N TRP A 205 7.24 3.85 4.52
CA TRP A 205 6.40 3.72 5.71
C TRP A 205 5.97 2.27 5.81
N PHE A 206 5.64 1.85 7.04
CA PHE A 206 5.23 0.47 7.30
C PHE A 206 6.29 -0.53 6.86
N GLY A 207 7.56 -0.13 6.96
CA GLY A 207 8.66 -0.98 6.55
C GLY A 207 8.82 -1.13 5.06
N GLN A 208 8.07 -0.40 4.27
CA GLN A 208 8.22 -0.47 2.83
C GLN A 208 9.15 0.64 2.35
N PRO A 209 9.83 0.44 1.22
CA PRO A 209 10.68 1.51 0.68
C PRO A 209 9.90 2.64 0.04
N GLY A 210 8.63 2.45 -0.28
CA GLY A 210 7.86 3.52 -0.86
C GLY A 210 8.48 3.99 -2.16
N GLN A 211 8.44 5.31 -2.36
CA GLN A 211 9.13 5.98 -3.44
C GLN A 211 8.62 5.56 -4.81
N GLY A 212 7.40 5.06 -4.88
CA GLY A 212 6.64 5.21 -6.08
C GLY A 212 6.07 6.63 -6.09
N VAL A 213 5.05 6.81 -6.93
CA VAL A 213 4.40 8.11 -7.14
C VAL A 213 2.92 7.94 -6.89
N GLN A 214 2.29 8.94 -6.25
CA GLN A 214 0.85 8.90 -6.07
C GLN A 214 0.19 10.20 -6.52
N TYR A 215 -1.09 10.07 -6.90
CA TYR A 215 -1.93 11.15 -7.39
C TYR A 215 -3.08 11.33 -6.41
N GLN A 216 -3.15 12.48 -5.75
CA GLN A 216 -4.36 12.87 -5.03
C GLN A 216 -5.26 13.64 -5.99
N THR A 217 -6.46 13.12 -6.21
CA THR A 217 -7.39 13.79 -7.11
C THR A 217 -8.19 14.83 -6.33
N TYR A 218 -8.78 15.78 -7.07
CA TYR A 218 -9.58 16.81 -6.45
C TYR A 218 -11.07 16.48 -6.41
N GLU A 219 -11.55 15.65 -7.33
CA GLU A 219 -12.83 14.97 -7.19
C GLU A 219 -12.57 13.49 -6.94
N ASN A 220 -13.56 12.81 -6.38
CA ASN A 220 -13.34 11.38 -6.15
C ASN A 220 -13.42 10.61 -7.47
N VAL A 221 -13.00 9.34 -7.41
CA VAL A 221 -12.86 8.56 -8.64
C VAL A 221 -14.22 8.39 -9.31
N ALA A 222 -15.26 8.09 -8.53
CA ALA A 222 -16.60 7.95 -9.12
C ALA A 222 -16.95 9.19 -9.94
N THR A 223 -16.65 10.38 -9.41
CA THR A 223 -16.97 11.60 -10.13
C THR A 223 -16.14 11.72 -11.40
N LEU A 224 -14.86 11.33 -11.34
CA LEU A 224 -14.01 11.41 -12.52
C LEU A 224 -14.49 10.46 -13.61
N ILE A 225 -15.04 9.31 -13.21
CA ILE A 225 -15.70 8.42 -14.16
C ILE A 225 -16.93 9.10 -14.74
N ALA A 226 -17.79 9.63 -13.86
CA ALA A 226 -19.06 10.19 -14.30
C ALA A 226 -18.86 11.35 -15.27
N ASP A 227 -17.91 12.24 -14.98
CA ASP A 227 -17.70 13.42 -15.81
C ASP A 227 -16.88 13.14 -17.05
N GLY A 228 -16.55 11.88 -17.32
CA GLY A 228 -15.81 11.54 -18.52
C GLY A 228 -14.33 11.86 -18.47
N TYR A 229 -13.67 11.54 -17.36
CA TYR A 229 -12.22 11.65 -17.26
C TYR A 229 -11.52 10.31 -17.16
N LEU A 230 -12.05 9.40 -16.35
CA LEU A 230 -11.51 8.06 -16.20
C LEU A 230 -12.43 7.05 -16.86
N LYS A 231 -11.85 6.13 -17.62
CA LYS A 231 -12.58 5.00 -18.18
C LYS A 231 -12.00 3.73 -17.60
N ALA A 232 -12.81 2.98 -16.86
CA ALA A 232 -12.34 1.70 -16.37
C ALA A 232 -12.08 0.77 -17.55
N LEU A 233 -11.28 -0.25 -17.30
CA LEU A 233 -11.06 -1.32 -18.25
C LEU A 233 -11.24 -2.64 -17.53
N ASP A 234 -11.57 -3.68 -18.30
CA ASP A 234 -11.77 -5.03 -17.79
C ASP A 234 -10.68 -5.95 -18.32
N GLU A 235 -10.73 -7.22 -17.90
CA GLU A 235 -9.78 -8.21 -18.39
C GLU A 235 -10.40 -9.04 -19.51
#